data_2W4X
#
_entry.id   2W4X
#
_cell.length_a   186.990
_cell.length_b   52.344
_cell.length_c   84.267
_cell.angle_alpha   90.00
_cell.angle_beta   99.30
_cell.angle_gamma   90.00
#
_symmetry.space_group_name_H-M   'C 1 2 1'
#
loop_
_entity.id
_entity.type
_entity.pdbx_description
1 polymer 'O-GLCNACASE BT_4395'
2 non-polymer GLYCEROL
3 non-polymer Streptozotocin
4 non-polymer 'CALCIUM ION'
5 water water
#
_entity_poly.entity_id   1
_entity_poly.type   'polypeptide(L)'
_entity_poly.pdbx_seq_one_letter_code
;QNVSLQPPPQQLIVQNKTIDLPAVYQLNGGEEANPHAVKVLKELLSGKQSSKKGMLISIGEKGDKSVRKYSRQIPDHKEG
YYLSVNEKEIVLAGNDERGTYYALQTFAQLLKDGKLPEVEIKDYPSVRYRGVVEGFYGTPWSHQARLSQLKFYGKNKMNT
YIYGPKDDPYHSAPNWRLPYPDKEAAQLQELVAVANENEVDFVWAIHPGQDIKWNKEDRDLLLAKFEKMYQLGVRSFAVF
FDDISGEGTNPQKQAELLNYIDEKFAQVKPDINQLVMCPTEYNKSWSNPNGNYLTTLGDKLNPSIQIMWTGDRVISDITR
DGISWINERIKRPAYIWWNFPVSDYVRDHLLLGPVYGNDTTIAKEMSGFVTNPMEHAESSKIAIYSVASYAWNPAKYDTW
QTWKDAIRTILPSAAEELECFAMHNSDLGPNGHGYRREESMDIQPAAERFLKAFKEGKNYDKADFETLQYTFERMKESAD
ILLMNTENKPLIVEITPWVHQFKLTAEMGEEVLKMVEGRNESYFLRKYNHVKALQQQMFYIDQTSNQNPYQPGVKTATRV
IKPLIDRTFATVVKFFNQKFNAHLDATTDYMPHKMISNVEQIKNLPLQVKANRVLISPANEVVKWAAGNSVEIELDAIYP
GENIQINFGKDAPCTWGRLEISTDGKEWKTVDLKQKESRLSAGLQKAPVKFVRFTNVSDEEQQVYLRQFVLTIEKK
;
_entity_poly.pdbx_strand_id   A
#
# COMPACT_ATOMS: atom_id res chain seq x y z
N SER A 4 -0.67 -10.16 18.43
CA SER A 4 -0.03 -9.91 17.06
C SER A 4 0.16 -8.46 16.56
N LEU A 5 0.86 -7.65 17.33
CA LEU A 5 1.11 -6.25 16.98
C LEU A 5 1.58 -5.93 15.56
N GLN A 6 0.89 -4.96 14.92
CA GLN A 6 1.32 -4.44 13.64
C GLN A 6 1.39 -2.92 13.63
N PRO A 7 2.56 -2.37 13.21
CA PRO A 7 3.83 -3.03 12.95
C PRO A 7 4.43 -3.59 14.25
N PRO A 8 5.31 -4.61 14.15
CA PRO A 8 5.89 -5.19 15.38
C PRO A 8 6.78 -4.17 16.09
N PRO A 9 6.65 -4.02 17.42
CA PRO A 9 7.45 -3.09 18.22
C PRO A 9 8.90 -3.47 18.17
N GLN A 10 9.80 -2.49 18.30
CA GLN A 10 11.25 -2.76 18.27
C GLN A 10 11.64 -3.70 19.39
N GLN A 11 10.99 -3.52 20.53
CA GLN A 11 11.31 -4.31 21.67
C GLN A 11 10.06 -4.59 22.47
N LEU A 12 9.94 -5.86 22.84
CA LEU A 12 8.69 -6.36 23.36
C LEU A 12 8.94 -7.49 24.34
N ILE A 13 8.39 -7.32 25.54
CA ILE A 13 8.47 -8.34 26.57
C ILE A 13 7.08 -8.62 27.08
N VAL A 14 6.68 -9.89 27.02
CA VAL A 14 5.34 -10.31 27.46
C VAL A 14 5.38 -11.18 28.69
N GLN A 15 4.47 -10.94 29.61
CA GLN A 15 4.51 -11.53 30.94
C GLN A 15 3.69 -12.80 31.08
N ASN A 16 2.65 -12.97 30.28
CA ASN A 16 1.89 -14.19 30.43
C ASN A 16 1.01 -14.09 31.66
N LYS A 17 0.85 -12.89 32.21
CA LYS A 17 -0.19 -12.65 33.18
C LYS A 17 -1.10 -11.82 32.31
N THR A 18 -2.22 -11.39 32.85
CA THR A 18 -3.09 -10.55 32.07
C THR A 18 -4.11 -9.97 32.99
N ILE A 19 -4.19 -8.66 32.98
CA ILE A 19 -5.10 -7.98 33.82
C ILE A 19 -6.29 -7.50 33.00
N ASP A 20 -7.31 -7.00 33.68
CA ASP A 20 -8.51 -6.49 33.03
C ASP A 20 -8.37 -4.99 32.85
N LEU A 21 -8.90 -4.45 31.76
CA LEU A 21 -9.09 -3.01 31.70
C LEU A 21 -9.77 -2.69 33.03
N PRO A 22 -9.19 -1.76 33.79
CA PRO A 22 -9.79 -1.46 35.10
C PRO A 22 -11.11 -0.74 34.96
N ALA A 23 -12.13 -1.22 35.68
CA ALA A 23 -13.44 -0.57 35.75
C ALA A 23 -13.35 0.82 36.38
N VAL A 24 -12.57 0.96 37.44
CA VAL A 24 -12.22 2.30 37.92
C VAL A 24 -10.75 2.59 37.62
N TYR A 25 -10.47 3.81 37.16
CA TYR A 25 -9.09 4.22 36.94
C TYR A 25 -8.84 5.68 37.30
N GLN A 26 -7.57 6.05 37.35
CA GLN A 26 -7.19 7.42 37.64
C GLN A 26 -6.23 7.89 36.56
N LEU A 27 -6.66 8.87 35.77
CA LEU A 27 -5.85 9.33 34.65
C LEU A 27 -4.86 10.33 35.14
N ASN A 28 -3.60 10.10 34.83
CA ASN A 28 -2.56 11.03 35.19
C ASN A 28 -1.90 11.51 33.91
N GLY A 29 -2.05 12.81 33.63
CA GLY A 29 -1.46 13.38 32.42
C GLY A 29 -2.51 13.76 31.39
N GLY A 30 -3.79 13.59 31.75
CA GLY A 30 -4.90 14.01 30.89
C GLY A 30 -4.75 15.39 30.30
N GLU A 31 -4.19 16.33 31.06
CA GLU A 31 -4.08 17.70 30.59
C GLU A 31 -2.83 17.99 29.80
N GLU A 32 -1.92 17.04 29.76
CA GLU A 32 -0.58 17.38 29.49
C GLU A 32 -0.13 16.67 28.24
N ALA A 33 -0.78 15.56 27.91
CA ALA A 33 -0.33 14.70 26.83
C ALA A 33 -0.96 15.20 25.56
N ASN A 34 -0.48 14.68 24.43
CA ASN A 34 -0.99 15.00 23.11
C ASN A 34 -2.46 14.74 23.12
N PRO A 35 -3.29 15.77 22.89
CA PRO A 35 -4.74 15.60 22.89
C PRO A 35 -5.20 14.46 21.97
N HIS A 36 -4.46 14.20 20.90
CA HIS A 36 -4.92 13.20 19.96
C HIS A 36 -4.82 11.85 20.65
N ALA A 37 -3.76 11.62 21.40
CA ALA A 37 -3.62 10.31 21.99
C ALA A 37 -4.60 10.07 23.11
N VAL A 38 -4.97 11.15 23.78
CA VAL A 38 -5.74 11.06 24.99
C VAL A 38 -7.18 10.78 24.60
N LYS A 39 -7.59 11.44 23.52
CA LYS A 39 -8.90 11.23 22.93
C LYS A 39 -9.09 9.74 22.61
N VAL A 40 -8.09 9.14 21.95
CA VAL A 40 -8.07 7.68 21.79
C VAL A 40 -8.12 6.91 23.12
N LEU A 41 -7.37 7.35 24.11
CA LEU A 41 -7.47 6.65 25.37
C LEU A 41 -8.88 6.73 25.98
N LYS A 42 -9.49 7.92 25.97
CA LYS A 42 -10.86 8.10 26.47
C LYS A 42 -11.82 7.16 25.78
N GLU A 43 -11.64 6.97 24.49
CA GLU A 43 -12.51 6.09 23.70
C GLU A 43 -12.23 4.63 24.02
N LEU A 44 -11.02 4.30 24.43
CA LEU A 44 -10.79 2.94 24.81
C LEU A 44 -11.34 2.75 26.20
N LEU A 45 -11.48 3.86 26.95
CA LEU A 45 -11.86 3.81 28.38
C LEU A 45 -13.32 4.16 28.70
N SER A 46 -14.19 4.04 27.70
CA SER A 46 -15.59 4.31 27.88
C SER A 46 -16.17 3.40 28.94
N GLY A 54 -9.01 4.47 41.40
CA GLY A 54 -8.84 3.22 40.67
C GLY A 54 -7.41 2.97 40.21
N MET A 55 -7.22 2.21 39.13
CA MET A 55 -5.85 1.91 38.67
C MET A 55 -5.18 3.15 38.08
N LEU A 56 -3.87 3.20 38.19
CA LEU A 56 -3.13 4.39 37.75
C LEU A 56 -2.82 4.23 36.29
N ILE A 57 -3.25 5.18 35.47
CA ILE A 57 -2.80 5.22 34.09
C ILE A 57 -2.05 6.53 33.84
N SER A 58 -0.81 6.41 33.36
CA SER A 58 0.01 7.60 33.14
C SER A 58 0.29 7.79 31.64
N ILE A 59 -0.03 8.97 31.13
CA ILE A 59 0.11 9.26 29.70
C ILE A 59 0.70 10.65 29.56
N GLY A 60 1.67 10.82 28.67
CA GLY A 60 2.32 12.09 28.50
C GLY A 60 3.54 11.89 27.62
N GLU A 61 4.21 12.98 27.31
CA GLU A 61 5.44 12.98 26.59
C GLU A 61 6.59 13.24 27.56
N LYS A 62 7.79 12.93 27.12
CA LYS A 62 8.99 13.18 27.88
C LYS A 62 9.00 14.58 28.39
N GLY A 63 9.20 14.76 29.69
CA GLY A 63 9.22 16.12 30.19
C GLY A 63 7.94 16.49 30.87
N ASP A 64 6.85 15.84 30.49
CA ASP A 64 5.61 15.98 31.23
C ASP A 64 5.81 15.56 32.65
N LYS A 65 5.14 16.25 33.55
CA LYS A 65 5.19 15.86 34.93
C LYS A 65 4.62 14.46 35.10
N SER A 66 3.69 14.05 34.25
CA SER A 66 3.01 12.79 34.48
C SER A 66 3.90 11.59 34.20
N VAL A 67 4.90 11.73 33.32
CA VAL A 67 5.77 10.62 32.93
C VAL A 67 7.23 10.81 33.37
N ARG A 68 7.41 11.62 34.41
CA ARG A 68 8.72 11.81 34.93
C ARG A 68 9.31 10.48 35.34
N LYS A 69 8.58 9.72 36.14
CA LYS A 69 9.11 8.49 36.74
C LYS A 69 9.68 7.56 35.69
N TYR A 70 9.20 7.68 34.47
CA TYR A 70 9.63 6.71 33.48
C TYR A 70 10.50 7.25 32.33
N SER A 71 11.07 8.43 32.49
CA SER A 71 11.70 9.05 31.33
C SER A 71 12.97 8.35 30.84
N ARG A 72 13.60 7.54 31.68
CA ARG A 72 14.77 6.77 31.23
C ARG A 72 14.37 5.58 30.38
N GLN A 73 13.08 5.21 30.45
CA GLN A 73 12.57 4.08 29.67
C GLN A 73 12.10 4.53 28.28
N ILE A 74 11.88 5.82 28.11
CA ILE A 74 11.39 6.28 26.84
C ILE A 74 12.53 6.32 25.84
N PRO A 75 12.37 5.67 24.69
CA PRO A 75 13.43 5.63 23.68
C PRO A 75 13.76 7.02 23.15
N ASP A 76 15.03 7.31 22.95
CA ASP A 76 15.45 8.61 22.48
C ASP A 76 15.46 8.69 20.93
N HIS A 77 14.29 8.54 20.32
CA HIS A 77 14.12 8.53 18.85
C HIS A 77 12.88 9.36 18.52
N LYS A 78 12.94 10.13 17.45
CA LYS A 78 11.68 10.72 16.97
C LYS A 78 10.59 9.64 16.82
N GLU A 79 9.39 9.96 17.31
CA GLU A 79 8.25 9.07 17.24
C GLU A 79 8.36 7.80 18.09
N GLY A 80 9.32 7.74 19.01
CA GLY A 80 9.42 6.62 19.95
C GLY A 80 8.46 6.70 21.13
N TYR A 81 8.20 5.56 21.77
CA TYR A 81 7.38 5.52 22.99
C TYR A 81 7.77 4.38 23.91
N TYR A 82 7.38 4.51 25.15
CA TYR A 82 7.48 3.47 26.15
C TYR A 82 6.07 3.07 26.50
N LEU A 83 5.75 1.79 26.42
CA LEU A 83 4.46 1.35 26.94
C LEU A 83 4.62 0.24 27.98
N SER A 84 3.75 0.23 29.00
CA SER A 84 3.84 -0.71 30.10
C SER A 84 2.50 -1.18 30.62
N VAL A 85 2.39 -2.47 30.92
CA VAL A 85 1.16 -2.98 31.47
C VAL A 85 1.39 -4.05 32.51
N ASN A 86 1.00 -3.74 33.74
CA ASN A 86 0.97 -4.67 34.85
C ASN A 86 -0.13 -4.26 35.82
N GLU A 87 -0.41 -5.08 36.84
CA GLU A 87 -1.61 -4.80 37.64
C GLU A 87 -1.50 -3.53 38.45
N LYS A 88 -0.29 -3.09 38.73
CA LYS A 88 -0.15 -1.83 39.45
C LYS A 88 -0.54 -0.63 38.56
N GLU A 89 0.07 -0.49 37.40
CA GLU A 89 -0.27 0.67 36.55
C GLU A 89 -0.21 0.44 35.03
N ILE A 90 -0.70 1.43 34.28
CA ILE A 90 -0.51 1.50 32.84
C ILE A 90 0.23 2.76 32.51
N VAL A 91 1.26 2.59 31.68
CA VAL A 91 2.10 3.68 31.25
C VAL A 91 2.13 3.70 29.74
N LEU A 92 1.78 4.87 29.21
CA LEU A 92 1.75 5.17 27.81
C LEU A 92 2.56 6.46 27.69
N ALA A 93 3.80 6.40 27.21
CA ALA A 93 4.70 7.57 27.31
C ALA A 93 5.55 7.83 26.06
N GLY A 94 5.29 8.96 25.41
CA GLY A 94 5.95 9.24 24.14
C GLY A 94 7.25 10.02 24.27
N ASN A 95 8.12 9.88 23.28
CA ASN A 95 9.27 10.74 23.21
C ASN A 95 8.86 12.12 22.78
N ASP A 96 7.78 12.19 22.00
CA ASP A 96 7.19 13.44 21.57
C ASP A 96 5.69 13.14 21.47
N GLU A 97 4.92 14.11 21.02
CA GLU A 97 3.50 13.93 20.90
C GLU A 97 3.10 12.79 19.95
N ARG A 98 3.84 12.64 18.86
CA ARG A 98 3.39 11.70 17.89
C ARG A 98 3.62 10.31 18.46
N GLY A 99 4.65 10.20 19.30
CA GLY A 99 5.03 8.94 19.92
C GLY A 99 3.98 8.44 20.89
N THR A 100 3.44 9.34 21.70
CA THR A 100 2.38 8.97 22.63
C THR A 100 1.19 8.47 21.85
N TYR A 101 0.83 9.18 20.80
CA TYR A 101 -0.21 8.70 19.93
C TYR A 101 0.08 7.27 19.38
N TYR A 102 1.31 7.01 19.00
CA TYR A 102 1.72 5.71 18.55
C TYR A 102 1.64 4.65 19.67
N ALA A 103 1.91 5.07 20.89
CA ALA A 103 1.77 4.17 22.03
C ALA A 103 0.33 3.74 22.17
N LEU A 104 -0.57 4.68 21.91
CA LEU A 104 -1.98 4.41 22.00
C LEU A 104 -2.47 3.54 20.88
N GLN A 105 -1.75 3.54 19.75
CA GLN A 105 -2.22 2.75 18.64
C GLN A 105 -1.84 1.32 18.90
N THR A 106 -0.82 1.16 19.72
CA THR A 106 -0.37 -0.15 20.08
C THR A 106 -1.22 -0.66 21.21
N PHE A 107 -1.41 0.18 22.21
CA PHE A 107 -2.33 -0.13 23.27
C PHE A 107 -3.65 -0.65 22.70
N ALA A 108 -4.22 0.02 21.69
CA ALA A 108 -5.51 -0.49 21.21
C ALA A 108 -5.45 -1.91 20.65
N GLN A 109 -4.31 -2.33 20.14
CA GLN A 109 -4.21 -3.67 19.56
C GLN A 109 -4.05 -4.69 20.68
N LEU A 110 -3.57 -4.25 21.84
CA LEU A 110 -3.41 -5.15 22.98
C LEU A 110 -4.74 -5.52 23.66
N LEU A 111 -5.69 -4.61 23.59
CA LEU A 111 -6.95 -4.73 24.31
C LEU A 111 -7.82 -5.75 23.60
N LYS A 112 -8.20 -6.81 24.30
CA LYS A 112 -9.02 -7.83 23.71
C LYS A 112 -9.96 -8.27 24.79
N ASP A 113 -11.21 -7.85 24.67
CA ASP A 113 -12.22 -8.20 25.67
C ASP A 113 -12.01 -7.54 27.03
N GLY A 114 -11.96 -6.22 27.05
CA GLY A 114 -11.76 -5.50 28.30
C GLY A 114 -10.57 -6.02 29.10
N LYS A 115 -9.66 -6.74 28.43
CA LYS A 115 -8.51 -7.37 29.08
C LYS A 115 -7.18 -7.09 28.40
N LEU A 116 -6.11 -6.89 29.18
CA LEU A 116 -4.82 -6.57 28.60
C LEU A 116 -3.81 -7.58 29.01
N PRO A 117 -2.84 -7.84 28.14
CA PRO A 117 -1.74 -8.70 28.58
C PRO A 117 -0.78 -7.86 29.39
N GLU A 118 0.09 -8.51 30.14
CA GLU A 118 1.08 -7.77 30.91
C GLU A 118 2.33 -7.67 30.06
N VAL A 119 2.76 -6.46 29.71
CA VAL A 119 3.89 -6.34 28.79
C VAL A 119 4.60 -5.06 28.97
N GLU A 120 5.73 -5.02 28.30
CA GLU A 120 6.58 -3.87 28.31
C GLU A 120 7.16 -3.70 26.93
N ILE A 121 7.06 -2.50 26.38
CA ILE A 121 7.43 -2.28 25.00
C ILE A 121 8.29 -1.05 24.85
N LYS A 122 9.40 -1.16 24.15
CA LYS A 122 10.08 0.05 23.72
C LYS A 122 10.11 0.12 22.19
N ASP A 123 9.57 1.16 21.60
CA ASP A 123 9.35 1.24 20.15
C ASP A 123 9.70 2.57 19.50
N TYR A 124 9.98 2.56 18.20
CA TYR A 124 10.28 3.74 17.43
C TYR A 124 10.31 3.27 15.99
N PRO A 125 10.24 4.15 15.01
CA PRO A 125 10.22 3.65 13.65
C PRO A 125 11.67 3.56 13.22
N SER A 126 12.01 2.64 12.34
CA SER A 126 13.34 2.61 11.73
C SER A 126 13.46 3.46 10.51
N VAL A 127 12.36 3.75 9.82
CA VAL A 127 12.49 4.68 8.73
C VAL A 127 11.77 5.94 9.12
N ARG A 128 12.42 7.07 8.91
CA ARG A 128 11.91 8.35 9.36
C ARG A 128 10.55 8.70 8.74
N TYR A 129 10.41 8.61 7.41
CA TYR A 129 9.10 8.91 6.82
C TYR A 129 8.44 7.71 6.20
N ARG A 130 7.13 7.53 6.45
CA ARG A 130 6.45 6.32 5.98
C ARG A 130 4.99 6.61 5.66
N GLY A 131 4.54 6.23 4.45
CA GLY A 131 3.13 6.31 4.10
C GLY A 131 2.90 6.11 2.62
N VAL A 132 2.04 6.97 2.05
CA VAL A 132 1.47 6.75 0.73
C VAL A 132 1.63 7.99 -0.12
N VAL A 133 1.99 7.81 -1.40
CA VAL A 133 1.96 8.91 -2.35
C VAL A 133 0.78 8.65 -3.28
N GLU A 134 -0.09 9.63 -3.43
CA GLU A 134 -1.24 9.49 -4.30
C GLU A 134 -0.77 9.80 -5.73
N GLY A 135 -0.09 8.85 -6.35
CA GLY A 135 0.61 9.12 -7.61
C GLY A 135 0.24 8.25 -8.79
N PHE A 136 -0.93 7.64 -8.77
CA PHE A 136 -1.34 6.71 -9.81
C PHE A 136 -2.22 7.44 -10.84
N TYR A 137 -2.04 7.14 -12.13
CA TYR A 137 -3.01 7.46 -13.18
C TYR A 137 -4.30 6.63 -13.04
N GLY A 138 -5.40 7.11 -13.63
CA GLY A 138 -6.68 6.40 -13.50
C GLY A 138 -7.74 7.27 -12.85
N THR A 139 -8.83 6.69 -12.37
CA THR A 139 -9.81 7.47 -11.62
C THR A 139 -9.26 7.87 -10.25
N PRO A 140 -9.19 9.17 -9.99
CA PRO A 140 -8.74 9.55 -8.65
C PRO A 140 -9.73 9.09 -7.59
N TRP A 141 -9.21 8.90 -6.40
CA TRP A 141 -9.99 8.58 -5.23
C TRP A 141 -11.01 9.65 -4.94
N SER A 142 -12.15 9.28 -4.39
CA SER A 142 -13.08 10.27 -3.84
C SER A 142 -12.52 10.90 -2.57
N HIS A 143 -13.05 12.07 -2.24
CA HIS A 143 -12.83 12.71 -0.98
C HIS A 143 -13.04 11.75 0.20
N GLN A 144 -14.17 11.04 0.25
CA GLN A 144 -14.40 10.08 1.34
C GLN A 144 -13.32 8.99 1.43
N ALA A 145 -12.87 8.49 0.27
CA ALA A 145 -11.90 7.40 0.28
C ALA A 145 -10.65 7.91 0.98
N ARG A 146 -10.38 9.21 0.84
CA ARG A 146 -9.15 9.80 1.37
C ARG A 146 -9.24 10.04 2.84
N LEU A 147 -10.42 10.43 3.34
CA LEU A 147 -10.58 10.56 4.76
C LEU A 147 -10.32 9.17 5.38
N SER A 148 -10.86 8.13 4.75
CA SER A 148 -10.72 6.78 5.27
C SER A 148 -9.25 6.35 5.22
N GLN A 149 -8.52 6.72 4.18
CA GLN A 149 -7.12 6.36 4.09
C GLN A 149 -6.36 6.97 5.25
N LEU A 150 -6.67 8.22 5.54
CA LEU A 150 -5.87 8.95 6.50
C LEU A 150 -5.98 8.30 7.85
N LYS A 151 -7.18 7.84 8.20
CA LYS A 151 -7.41 7.23 9.50
C LYS A 151 -6.71 5.86 9.54
N PHE A 152 -6.65 5.19 8.39
CA PHE A 152 -5.95 3.92 8.30
C PHE A 152 -4.43 4.12 8.47
N TYR A 153 -3.93 5.24 7.97
CA TYR A 153 -2.49 5.53 8.15
C TYR A 153 -2.16 5.72 9.62
N GLY A 154 -2.98 6.47 10.34
CA GLY A 154 -2.65 6.73 11.74
C GLY A 154 -2.66 5.39 12.48
N LYS A 155 -3.64 4.55 12.17
CA LYS A 155 -3.74 3.28 12.86
C LYS A 155 -2.47 2.46 12.68
N ASN A 156 -1.82 2.58 11.51
CA ASN A 156 -0.66 1.74 11.21
C ASN A 156 0.65 2.51 11.35
N LYS A 157 0.55 3.65 12.05
CA LYS A 157 1.70 4.49 12.28
C LYS A 157 2.41 4.91 10.97
N MET A 158 1.67 5.11 9.90
CA MET A 158 2.24 5.84 8.76
C MET A 158 2.13 7.36 8.97
N ASN A 159 3.19 8.10 8.71
CA ASN A 159 3.11 9.52 9.06
C ASN A 159 3.14 10.42 7.84
N THR A 160 2.92 9.86 6.65
CA THR A 160 3.13 10.62 5.47
C THR A 160 2.02 10.40 4.48
N TYR A 161 1.45 11.49 3.99
CA TYR A 161 0.49 11.38 2.90
C TYR A 161 0.82 12.44 1.87
N ILE A 162 1.25 12.02 0.69
CA ILE A 162 1.60 13.00 -0.31
C ILE A 162 0.44 13.13 -1.26
N TYR A 163 -0.13 14.33 -1.29
CA TYR A 163 -1.45 14.49 -1.81
C TYR A 163 -1.49 15.01 -3.19
N GLY A 164 -2.08 14.23 -4.11
CA GLY A 164 -2.13 14.64 -5.52
C GLY A 164 -3.25 14.36 -6.49
N PRO A 165 -4.46 14.07 -6.00
CA PRO A 165 -5.57 13.79 -6.91
C PRO A 165 -5.35 14.45 -8.27
N LYS A 166 -5.59 13.73 -9.36
CA LYS A 166 -5.36 14.27 -10.69
C LYS A 166 -6.56 15.01 -11.25
N ASP A 167 -7.60 15.18 -10.45
CA ASP A 167 -8.75 15.93 -10.90
C ASP A 167 -8.82 17.23 -10.13
N ASP A 168 -7.72 17.55 -9.45
CA ASP A 168 -7.54 18.85 -8.79
C ASP A 168 -6.38 19.60 -9.47
N PRO A 169 -6.72 20.60 -10.28
CA PRO A 169 -5.75 21.29 -11.18
C PRO A 169 -4.96 22.43 -10.49
N TYR A 170 -5.26 22.63 -9.21
CA TYR A 170 -4.64 23.68 -8.45
C TYR A 170 -3.27 23.31 -7.88
N HIS A 171 -2.78 22.11 -8.22
CA HIS A 171 -1.41 21.75 -7.94
C HIS A 171 -0.54 21.51 -9.18
N SER A 172 -1.06 21.81 -10.36
CA SER A 172 -0.25 21.68 -11.59
C SER A 172 -0.53 22.77 -12.58
N ALA A 173 0.20 22.73 -13.69
CA ALA A 173 0.01 23.69 -14.77
C ALA A 173 -1.43 23.75 -15.29
N PRO A 174 -1.99 24.95 -15.37
CA PRO A 174 -1.37 26.23 -14.96
C PRO A 174 -1.90 26.77 -13.64
N ASN A 175 -2.85 26.07 -13.05
CA ASN A 175 -3.60 26.64 -11.98
C ASN A 175 -2.89 26.51 -10.63
N TRP A 176 -1.66 25.99 -10.61
CA TRP A 176 -0.95 25.89 -9.31
C TRP A 176 -0.75 27.30 -8.84
N ARG A 177 -0.50 28.16 -9.81
CA ARG A 177 -0.48 29.59 -9.55
C ARG A 177 -1.69 30.14 -8.80
N LEU A 178 -2.85 29.51 -8.89
CA LEU A 178 -4.09 30.04 -8.35
C LEU A 178 -4.47 29.48 -6.99
N PRO A 179 -5.19 30.27 -6.17
CA PRO A 179 -5.64 29.74 -4.90
C PRO A 179 -6.77 28.75 -5.09
N TYR A 180 -6.86 27.79 -4.18
CA TYR A 180 -7.99 26.89 -4.15
C TYR A 180 -9.24 27.73 -4.00
N PRO A 181 -10.30 27.43 -4.77
CA PRO A 181 -11.62 28.04 -4.55
C PRO A 181 -12.19 27.64 -3.21
N ASP A 182 -13.11 28.42 -2.67
CA ASP A 182 -13.66 28.08 -1.37
C ASP A 182 -14.02 26.61 -1.20
N LYS A 183 -14.87 26.07 -2.05
CA LYS A 183 -15.38 24.75 -1.78
C LYS A 183 -14.21 23.75 -1.67
N GLU A 184 -13.31 23.76 -2.65
CA GLU A 184 -12.25 22.79 -2.66
C GLU A 184 -11.31 23.03 -1.48
N ALA A 185 -11.21 24.31 -1.09
CA ALA A 185 -10.31 24.69 -0.02
C ALA A 185 -10.74 24.02 1.26
N ALA A 186 -12.04 24.04 1.51
CA ALA A 186 -12.61 23.60 2.75
C ALA A 186 -12.49 22.07 2.83
N GLN A 187 -12.62 21.40 1.71
CA GLN A 187 -12.48 19.97 1.69
C GLN A 187 -11.03 19.61 2.01
N LEU A 188 -10.15 20.42 1.47
CA LEU A 188 -8.77 20.21 1.62
C LEU A 188 -8.40 20.45 3.08
N GLN A 189 -8.79 21.58 3.64
CA GLN A 189 -8.71 21.77 5.09
C GLN A 189 -9.21 20.56 5.84
N GLU A 190 -10.36 20.01 5.46
CA GLU A 190 -10.88 18.87 6.17
C GLU A 190 -9.89 17.68 6.15
N LEU A 191 -9.26 17.41 4.99
CA LEU A 191 -8.17 16.41 4.90
C LEU A 191 -7.04 16.72 5.89
N VAL A 192 -6.59 17.97 5.89
CA VAL A 192 -5.53 18.39 6.79
C VAL A 192 -5.99 18.21 8.24
N ALA A 193 -7.23 18.56 8.53
CA ALA A 193 -7.69 18.42 9.91
C ALA A 193 -7.60 16.95 10.30
N VAL A 194 -8.09 16.08 9.42
CA VAL A 194 -8.11 14.68 9.72
C VAL A 194 -6.69 14.08 9.75
N ALA A 195 -5.80 14.54 8.85
CA ALA A 195 -4.42 14.07 8.87
C ALA A 195 -3.75 14.50 10.20
N ASN A 196 -3.95 15.74 10.63
CA ASN A 196 -3.47 16.16 11.98
C ASN A 196 -3.93 15.25 13.13
N GLU A 197 -5.23 15.01 13.22
CA GLU A 197 -5.84 14.23 14.30
C GLU A 197 -5.23 12.84 14.36
N ASN A 198 -4.73 12.36 13.22
CA ASN A 198 -4.22 11.00 13.12
C ASN A 198 -2.72 11.03 12.97
N GLU A 199 -2.14 12.17 13.30
CA GLU A 199 -0.67 12.27 13.31
C GLU A 199 -0.04 12.01 11.94
N VAL A 200 -0.76 12.31 10.87
CA VAL A 200 -0.16 12.20 9.53
C VAL A 200 0.27 13.56 8.98
N ASP A 201 1.46 13.61 8.38
CA ASP A 201 1.87 14.79 7.62
C ASP A 201 1.15 14.77 6.28
N PHE A 202 0.26 15.72 6.10
CA PHE A 202 -0.30 16.03 4.84
C PHE A 202 0.78 16.76 4.02
N VAL A 203 1.32 16.15 2.97
CA VAL A 203 2.37 16.84 2.19
C VAL A 203 1.74 17.34 0.91
N TRP A 204 1.54 18.64 0.77
CA TRP A 204 0.93 19.15 -0.46
C TRP A 204 2.05 19.26 -1.46
N ALA A 205 1.86 18.65 -2.63
CA ALA A 205 2.87 18.59 -3.68
C ALA A 205 2.43 19.44 -4.84
N ILE A 206 3.31 20.31 -5.30
CA ILE A 206 3.03 21.18 -6.42
C ILE A 206 3.76 20.66 -7.66
N HIS A 207 3.11 20.76 -8.81
CA HIS A 207 3.61 20.17 -10.04
C HIS A 207 3.66 21.27 -11.10
N PRO A 208 4.77 22.02 -11.13
CA PRO A 208 4.85 23.21 -11.95
C PRO A 208 5.56 23.00 -13.26
N GLY A 209 6.26 21.88 -13.39
CA GLY A 209 7.32 21.78 -14.40
C GLY A 209 6.84 22.00 -15.82
N GLN A 210 5.57 21.75 -16.02
CA GLN A 210 4.96 21.85 -17.34
C GLN A 210 5.02 23.29 -17.88
N ASP A 211 4.64 24.28 -17.07
CA ASP A 211 4.60 25.66 -17.53
C ASP A 211 5.32 26.66 -16.63
N ILE A 212 6.44 26.25 -16.04
CA ILE A 212 7.18 27.10 -15.10
C ILE A 212 8.27 27.92 -15.80
N LYS A 213 8.42 29.20 -15.41
CA LYS A 213 9.50 30.03 -15.95
C LYS A 213 10.59 30.29 -14.93
N TRP A 214 11.80 30.09 -15.38
CA TRP A 214 12.91 30.29 -14.52
C TRP A 214 13.11 31.75 -14.05
N ASN A 215 12.12 32.61 -14.26
CA ASN A 215 12.24 33.98 -13.78
C ASN A 215 11.80 34.22 -12.32
N LYS A 216 12.07 35.41 -11.80
CA LYS A 216 11.73 35.70 -10.41
C LYS A 216 10.24 35.84 -10.15
N GLU A 217 9.44 36.05 -11.17
CA GLU A 217 8.03 36.23 -10.87
C GLU A 217 7.39 34.88 -10.60
N ASP A 218 7.72 33.89 -11.40
CA ASP A 218 7.17 32.55 -11.20
C ASP A 218 7.67 32.00 -9.87
N ARG A 219 8.91 32.33 -9.53
CA ARG A 219 9.42 31.88 -8.27
C ARG A 219 8.55 32.44 -7.13
N ASP A 220 8.14 33.69 -7.25
CA ASP A 220 7.38 34.37 -6.21
C ASP A 220 5.98 33.83 -6.08
N LEU A 221 5.45 33.37 -7.21
CA LEU A 221 4.08 32.88 -7.28
C LEU A 221 3.97 31.56 -6.57
N LEU A 222 5.00 30.76 -6.75
CA LEU A 222 5.17 29.55 -6.00
C LEU A 222 5.26 29.88 -4.51
N LEU A 223 6.13 30.80 -4.13
CA LEU A 223 6.19 31.15 -2.72
C LEU A 223 4.82 31.48 -2.13
N ALA A 224 4.05 32.31 -2.84
CA ALA A 224 2.75 32.79 -2.37
C ALA A 224 1.76 31.63 -2.37
N LYS A 225 1.84 30.79 -3.39
CA LYS A 225 0.99 29.61 -3.34
C LYS A 225 1.26 28.80 -2.08
N PHE A 226 2.53 28.52 -1.81
CA PHE A 226 2.92 27.81 -0.59
C PHE A 226 2.36 28.53 0.64
N GLU A 227 2.36 29.85 0.62
CA GLU A 227 1.91 30.59 1.78
C GLU A 227 0.38 30.42 1.94
N LYS A 228 -0.37 30.54 0.85
CA LYS A 228 -1.80 30.19 0.88
C LYS A 228 -2.05 28.79 1.44
N MET A 229 -1.36 27.75 0.95
CA MET A 229 -1.52 26.40 1.53
C MET A 229 -1.18 26.39 3.02
N TYR A 230 -0.15 27.14 3.38
CA TYR A 230 0.15 27.32 4.80
C TYR A 230 -1.08 27.81 5.61
N GLN A 231 -1.70 28.90 5.14
CA GLN A 231 -2.91 29.45 5.77
C GLN A 231 -4.08 28.45 5.85
N LEU A 232 -4.18 27.52 4.90
CA LEU A 232 -5.15 26.44 4.99
C LEU A 232 -4.70 25.31 5.91
N GLY A 233 -3.54 25.44 6.54
CA GLY A 233 -3.08 24.41 7.46
C GLY A 233 -1.97 23.45 7.06
N VAL A 234 -1.55 23.45 5.79
CA VAL A 234 -0.52 22.55 5.35
C VAL A 234 0.77 22.88 6.07
N ARG A 235 1.54 21.86 6.47
CA ARG A 235 2.82 22.03 7.14
C ARG A 235 3.95 21.20 6.47
N SER A 236 3.66 20.55 5.36
CA SER A 236 4.72 19.85 4.62
C SER A 236 4.49 20.02 3.11
N PHE A 237 5.56 19.91 2.31
CA PHE A 237 5.53 20.33 0.90
C PHE A 237 6.43 19.51 0.00
N ALA A 238 5.99 19.33 -1.24
CA ALA A 238 6.85 18.65 -2.20
C ALA A 238 6.75 19.43 -3.49
N VAL A 239 7.85 19.42 -4.24
CA VAL A 239 7.91 20.08 -5.49
C VAL A 239 8.39 19.05 -6.47
N PHE A 240 7.67 18.90 -7.60
CA PHE A 240 7.92 17.84 -8.58
C PHE A 240 8.59 18.38 -9.81
N PHE A 241 9.56 17.61 -10.32
CA PHE A 241 10.39 18.02 -11.48
C PHE A 241 10.49 16.86 -12.44
N ASP A 242 9.55 15.93 -12.38
CA ASP A 242 9.62 14.80 -13.24
C ASP A 242 9.06 15.23 -14.55
N ASP A 243 8.25 16.25 -14.53
CA ASP A 243 7.57 16.69 -15.69
C ASP A 243 8.09 17.99 -16.23
N ILE A 244 9.36 18.06 -16.60
CA ILE A 244 9.84 19.31 -17.14
C ILE A 244 10.98 19.23 -18.14
N SER A 245 11.22 20.38 -18.77
CA SER A 245 11.96 20.43 -20.02
C SER A 245 12.79 21.70 -20.09
N GLY A 246 13.87 21.65 -20.89
CA GLY A 246 14.66 22.87 -21.15
C GLY A 246 15.41 23.42 -19.96
N GLU A 247 15.37 24.73 -19.77
CA GLU A 247 16.08 25.29 -18.64
C GLU A 247 15.76 24.50 -17.39
N GLY A 248 14.49 24.18 -17.24
CA GLY A 248 14.00 23.58 -16.00
C GLY A 248 14.72 22.30 -15.58
N THR A 249 15.52 21.74 -16.47
CA THR A 249 16.08 20.47 -16.17
C THR A 249 17.45 20.61 -15.55
N ASN A 250 17.88 21.84 -15.38
CA ASN A 250 19.16 22.09 -14.70
C ASN A 250 19.13 21.82 -13.20
N PRO A 251 19.94 20.87 -12.75
CA PRO A 251 19.90 20.51 -11.34
C PRO A 251 20.37 21.68 -10.48
N GLN A 252 21.29 22.46 -11.04
CA GLN A 252 21.80 23.64 -10.37
C GLN A 252 20.61 24.56 -10.06
N LYS A 253 19.78 24.78 -11.08
CA LYS A 253 18.69 25.69 -10.90
C LYS A 253 17.57 25.14 -10.03
N GLN A 254 17.35 23.83 -10.11
CA GLN A 254 16.43 23.15 -9.25
C GLN A 254 16.85 23.31 -7.80
N ALA A 255 18.13 23.06 -7.52
CA ALA A 255 18.66 23.25 -6.17
C ALA A 255 18.44 24.69 -5.66
N GLU A 256 18.69 25.67 -6.54
CA GLU A 256 18.56 27.08 -6.15
C GLU A 256 17.14 27.40 -5.76
N LEU A 257 16.20 26.95 -6.58
CA LEU A 257 14.82 27.19 -6.27
C LEU A 257 14.40 26.50 -4.97
N LEU A 258 14.89 25.30 -4.72
CA LEU A 258 14.46 24.54 -3.55
C LEU A 258 15.09 25.15 -2.29
N ASN A 259 16.40 25.39 -2.33
CA ASN A 259 17.09 26.14 -1.26
C ASN A 259 16.46 27.49 -1.00
N TYR A 260 16.07 28.14 -2.09
CA TYR A 260 15.40 29.39 -1.96
C TYR A 260 14.13 29.24 -1.13
N ILE A 261 13.31 28.23 -1.42
CA ILE A 261 12.09 27.95 -0.68
C ILE A 261 12.37 27.52 0.76
N ASP A 262 13.41 26.73 0.94
CA ASP A 262 13.83 26.39 2.28
C ASP A 262 14.08 27.66 3.09
N GLU A 263 14.90 28.55 2.57
CA GLU A 263 15.35 29.70 3.32
C GLU A 263 14.29 30.75 3.52
N LYS A 264 13.55 31.07 2.47
CA LYS A 264 12.55 32.14 2.56
C LYS A 264 11.24 31.66 3.18
N PHE A 265 11.08 30.36 3.39
CA PHE A 265 9.79 29.80 3.77
C PHE A 265 9.86 28.77 4.87
N ALA A 266 10.50 27.66 4.62
CA ALA A 266 10.55 26.56 5.59
C ALA A 266 11.36 26.94 6.83
N GLN A 267 12.37 27.78 6.63
CA GLN A 267 13.22 28.20 7.74
C GLN A 267 12.59 29.39 8.46
N VAL A 268 11.50 29.91 7.90
CA VAL A 268 10.92 31.12 8.44
C VAL A 268 9.64 30.85 9.26
N LYS A 269 8.94 29.75 8.94
CA LYS A 269 7.80 29.30 9.73
C LYS A 269 8.30 28.43 10.87
N PRO A 270 7.52 28.33 11.91
CA PRO A 270 7.95 27.57 13.07
C PRO A 270 7.76 26.09 12.94
N ASP A 271 6.89 25.62 12.07
CA ASP A 271 6.43 24.27 12.12
C ASP A 271 6.31 23.52 10.82
N ILE A 272 7.24 23.71 9.92
CA ILE A 272 7.20 23.02 8.68
C ILE A 272 7.91 21.70 8.80
N ASN A 273 7.18 20.61 8.57
CA ASN A 273 7.77 19.30 8.73
C ASN A 273 8.53 18.78 7.52
N GLN A 274 7.88 18.33 6.47
CA GLN A 274 8.65 17.70 5.42
C GLN A 274 8.81 18.70 4.31
N LEU A 275 9.95 18.64 3.64
CA LEU A 275 10.16 19.44 2.48
C LEU A 275 10.85 18.53 1.51
N VAL A 276 10.20 18.26 0.38
CA VAL A 276 10.56 17.11 -0.43
C VAL A 276 10.55 17.51 -1.90
N MET A 277 11.50 17.01 -2.68
CA MET A 277 11.42 17.18 -4.14
C MET A 277 11.49 15.85 -4.91
N CYS A 278 10.86 15.83 -6.08
CA CYS A 278 11.01 14.71 -6.98
C CYS A 278 11.91 15.09 -8.13
N PRO A 279 13.05 14.40 -8.25
CA PRO A 279 14.05 14.75 -9.26
C PRO A 279 13.59 14.43 -10.66
N THR A 280 14.27 15.02 -11.64
CA THR A 280 13.94 14.77 -13.02
C THR A 280 14.39 13.38 -13.41
N GLU A 281 15.47 12.93 -12.79
CA GLU A 281 15.92 11.54 -12.95
C GLU A 281 15.59 10.86 -11.64
N TYR A 282 14.55 10.05 -11.65
CA TYR A 282 14.07 9.47 -10.41
C TYR A 282 14.18 7.97 -10.32
N ASN A 283 14.82 7.36 -11.31
CA ASN A 283 15.28 5.98 -11.19
C ASN A 283 16.57 5.75 -11.99
N LYS A 284 17.36 4.76 -11.58
CA LYS A 284 18.71 4.58 -12.17
C LYS A 284 18.65 4.35 -13.67
N SER A 285 17.61 3.69 -14.13
CA SER A 285 17.61 3.37 -15.52
C SER A 285 17.29 4.61 -16.40
N TRP A 286 16.59 5.59 -15.86
CA TRP A 286 16.34 6.81 -16.63
C TRP A 286 17.35 7.83 -16.26
N SER A 287 18.44 7.40 -15.64
CA SER A 287 19.50 8.33 -15.33
C SER A 287 20.61 8.22 -16.37
N ASN A 288 21.11 9.37 -16.80
CA ASN A 288 22.10 9.44 -17.88
C ASN A 288 23.51 9.37 -17.32
N PRO A 289 24.20 8.21 -17.46
CA PRO A 289 25.53 8.08 -16.84
C PRO A 289 26.48 9.02 -17.51
N ASN A 290 26.12 9.50 -18.68
CA ASN A 290 26.93 10.51 -19.34
C ASN A 290 26.51 11.93 -18.98
N GLY A 291 25.78 12.09 -17.86
CA GLY A 291 25.30 13.38 -17.43
C GLY A 291 25.69 13.61 -16.00
N ASN A 292 25.17 14.71 -15.43
CA ASN A 292 25.62 15.25 -14.16
C ASN A 292 24.56 15.30 -13.10
N TYR A 293 23.33 15.21 -13.57
CA TYR A 293 22.15 15.59 -12.82
C TYR A 293 22.14 15.25 -11.31
N LEU A 294 22.37 13.99 -10.98
CA LEU A 294 22.18 13.54 -9.60
C LEU A 294 23.23 14.10 -8.65
N THR A 295 24.50 13.92 -9.00
CA THR A 295 25.54 14.36 -8.09
C THR A 295 25.52 15.87 -7.94
N THR A 296 25.21 16.58 -9.02
CA THR A 296 25.06 18.03 -8.90
C THR A 296 23.95 18.32 -7.91
N LEU A 297 22.79 17.69 -8.07
CA LEU A 297 21.73 17.87 -7.08
C LEU A 297 22.18 17.54 -5.66
N GLY A 298 22.84 16.40 -5.52
CA GLY A 298 23.32 15.95 -4.24
C GLY A 298 24.17 17.05 -3.65
N ASP A 299 25.17 17.53 -4.42
CA ASP A 299 26.07 18.61 -3.99
C ASP A 299 25.39 19.93 -3.62
N LYS A 300 24.43 20.39 -4.44
CA LYS A 300 23.94 21.74 -4.27
C LYS A 300 22.67 21.87 -3.48
N LEU A 301 21.94 20.79 -3.25
CA LEU A 301 20.65 20.91 -2.56
C LEU A 301 20.83 20.90 -1.05
N ASN A 302 20.21 21.84 -0.34
CA ASN A 302 20.30 21.84 1.12
C ASN A 302 20.07 20.44 1.69
N PRO A 303 20.92 20.07 2.63
CA PRO A 303 20.89 18.77 3.28
C PRO A 303 19.54 18.44 3.98
N SER A 304 18.73 19.41 4.34
CA SER A 304 17.51 18.97 5.01
C SER A 304 16.33 18.71 4.01
N ILE A 305 16.59 18.83 2.70
CA ILE A 305 15.56 18.60 1.69
C ILE A 305 15.60 17.16 1.14
N GLN A 306 14.47 16.46 1.09
CA GLN A 306 14.47 15.08 0.63
C GLN A 306 14.44 15.00 -0.88
N ILE A 307 15.05 13.93 -1.39
CA ILE A 307 14.98 13.62 -2.81
C ILE A 307 14.27 12.28 -2.98
N MET A 308 13.19 12.26 -3.74
CA MET A 308 12.47 11.01 -3.96
C MET A 308 13.13 10.14 -5.02
N TRP A 309 12.87 8.83 -4.96
CA TRP A 309 13.60 7.85 -5.83
C TRP A 309 12.82 6.55 -5.91
N THR A 310 12.70 5.99 -7.10
CA THR A 310 11.86 4.82 -7.23
C THR A 310 12.63 3.53 -7.33
N GLY A 311 13.96 3.59 -7.30
CA GLY A 311 14.78 2.40 -7.41
C GLY A 311 15.54 2.41 -8.73
N ASP A 312 15.85 1.20 -9.22
CA ASP A 312 16.65 0.95 -10.40
C ASP A 312 15.92 1.25 -11.71
N ARG A 313 14.61 1.14 -11.67
CA ARG A 313 13.76 1.28 -12.83
C ARG A 313 12.51 1.91 -12.28
N VAL A 314 11.60 2.28 -13.17
CA VAL A 314 10.35 2.90 -12.71
C VAL A 314 9.63 2.01 -11.73
N ILE A 315 9.45 0.73 -12.06
CA ILE A 315 8.93 -0.25 -11.11
C ILE A 315 10.06 -1.11 -10.60
N SER A 316 10.33 -1.08 -9.31
CA SER A 316 11.54 -1.75 -8.83
C SER A 316 11.46 -1.97 -7.36
N ASP A 317 12.03 -3.07 -6.89
CA ASP A 317 12.13 -3.32 -5.45
C ASP A 317 13.42 -2.69 -4.99
N ILE A 318 13.51 -2.32 -3.71
CA ILE A 318 14.71 -1.60 -3.23
C ILE A 318 15.75 -2.57 -2.70
N THR A 319 16.95 -2.53 -3.26
CA THR A 319 18.04 -3.40 -2.81
C THR A 319 19.17 -2.62 -2.17
N ARG A 320 20.17 -3.36 -1.68
CA ARG A 320 21.28 -2.74 -1.00
C ARG A 320 22.17 -2.11 -2.05
N ASP A 321 22.42 -2.84 -3.13
CA ASP A 321 23.14 -2.25 -4.25
C ASP A 321 22.39 -1.03 -4.79
N GLY A 322 21.07 -1.15 -4.85
CA GLY A 322 20.28 -0.10 -5.44
C GLY A 322 20.30 1.18 -4.64
N ILE A 323 20.38 1.07 -3.33
CA ILE A 323 20.26 2.31 -2.61
C ILE A 323 21.61 2.91 -2.27
N SER A 324 22.66 2.12 -2.35
CA SER A 324 23.99 2.66 -2.24
C SER A 324 24.21 3.55 -3.43
N TRP A 325 23.70 3.07 -4.56
CA TRP A 325 24.06 3.65 -5.82
C TRP A 325 23.50 5.06 -5.86
N ILE A 326 22.27 5.25 -5.36
CA ILE A 326 21.66 6.57 -5.35
C ILE A 326 22.12 7.39 -4.13
N ASN A 327 22.43 6.73 -3.03
CA ASN A 327 22.85 7.46 -1.84
C ASN A 327 24.19 8.10 -2.01
N GLU A 328 25.11 7.38 -2.66
CA GLU A 328 26.42 7.95 -2.98
C GLU A 328 26.29 9.25 -3.78
N ARG A 329 25.30 9.29 -4.66
CA ARG A 329 25.21 10.40 -5.58
C ARG A 329 24.53 11.62 -5.00
N ILE A 330 23.39 11.46 -4.37
CA ILE A 330 22.69 12.58 -3.78
C ILE A 330 23.22 12.92 -2.42
N LYS A 331 24.25 12.25 -2.01
CA LYS A 331 24.89 12.50 -0.73
C LYS A 331 23.95 12.57 0.45
N ARG A 332 22.83 11.88 0.37
CA ARG A 332 21.91 11.71 1.54
C ARG A 332 21.15 10.39 1.33
N PRO A 333 20.43 9.90 2.36
CA PRO A 333 19.60 8.68 2.15
C PRO A 333 18.38 8.96 1.26
N ALA A 334 18.21 8.22 0.18
CA ALA A 334 17.05 8.47 -0.70
C ALA A 334 15.70 8.33 0.03
N TYR A 335 14.67 8.98 -0.48
CA TYR A 335 13.35 8.94 0.06
C TYR A 335 12.55 8.10 -0.93
N ILE A 336 12.24 6.86 -0.58
CA ILE A 336 11.81 5.91 -1.58
C ILE A 336 10.36 6.05 -1.96
N TRP A 337 10.16 6.13 -3.26
CA TRP A 337 8.82 6.05 -3.83
C TRP A 337 8.70 4.66 -4.46
N TRP A 338 7.92 3.79 -3.83
CA TRP A 338 7.84 2.43 -4.32
C TRP A 338 6.60 2.22 -5.22
N ASN A 339 6.81 1.98 -6.51
CA ASN A 339 5.66 1.86 -7.38
C ASN A 339 4.98 0.50 -7.32
N PHE A 340 4.41 0.15 -6.14
CA PHE A 340 3.57 -1.03 -5.96
C PHE A 340 2.68 -0.66 -4.77
N PRO A 341 1.37 -0.98 -4.84
CA PRO A 341 0.65 -1.81 -5.79
C PRO A 341 0.04 -1.09 -6.95
N VAL A 342 0.40 0.13 -7.22
CA VAL A 342 -0.13 0.84 -8.35
C VAL A 342 -0.28 -0.07 -9.54
N SER A 343 -1.48 -0.10 -10.11
CA SER A 343 -1.78 -0.97 -11.26
C SER A 343 -2.20 -0.17 -12.51
N ASP A 344 -1.76 1.08 -12.58
CA ASP A 344 -2.30 1.97 -13.59
C ASP A 344 -1.73 1.63 -14.97
N TYR A 345 -0.84 0.63 -15.05
CA TYR A 345 -0.34 0.22 -16.37
C TYR A 345 -0.69 -1.26 -16.61
N VAL A 346 -1.48 -1.80 -15.72
CA VAL A 346 -2.00 -3.14 -15.83
C VAL A 346 -3.41 -3.07 -15.29
N ARG A 347 -4.19 -2.13 -15.78
CA ARG A 347 -5.45 -1.74 -15.14
C ARG A 347 -6.49 -2.84 -15.10
N ASP A 348 -6.24 -3.92 -15.82
CA ASP A 348 -7.20 -5.02 -15.88
C ASP A 348 -6.85 -6.09 -14.82
N HIS A 349 -5.82 -5.79 -14.02
CA HIS A 349 -5.42 -6.67 -12.92
C HIS A 349 -5.63 -5.99 -11.57
N LEU A 350 -5.98 -6.80 -10.58
CA LEU A 350 -5.85 -6.34 -9.22
C LEU A 350 -4.58 -6.94 -8.66
N LEU A 351 -3.84 -6.13 -7.92
CA LEU A 351 -2.58 -6.55 -7.27
C LEU A 351 -2.75 -6.68 -5.75
N LEU A 352 -3.20 -7.84 -5.32
CA LEU A 352 -3.61 -8.01 -3.95
C LEU A 352 -2.65 -8.89 -3.18
N GLY A 353 -1.49 -9.18 -3.78
CA GLY A 353 -0.56 -10.14 -3.16
C GLY A 353 0.19 -9.51 -2.01
N PRO A 354 1.13 -10.25 -1.42
CA PRO A 354 1.90 -9.64 -0.33
C PRO A 354 2.97 -8.68 -0.82
N VAL A 355 3.57 -7.95 0.10
CA VAL A 355 4.54 -6.91 -0.22
C VAL A 355 5.89 -7.52 0.09
N TYR A 356 6.79 -7.63 -0.90
CA TYR A 356 8.13 -8.19 -0.68
C TYR A 356 9.09 -7.71 -1.75
N GLY A 357 10.35 -7.99 -1.49
CA GLY A 357 11.37 -7.79 -2.48
C GLY A 357 12.24 -6.68 -1.98
N ASN A 358 11.81 -5.94 -0.96
CA ASN A 358 12.67 -4.86 -0.50
C ASN A 358 13.59 -5.33 0.60
N ASP A 359 14.85 -4.94 0.54
CA ASP A 359 15.83 -5.42 1.45
C ASP A 359 15.45 -4.98 2.86
N THR A 360 15.68 -5.85 3.86
CA THR A 360 15.16 -5.60 5.21
C THR A 360 16.24 -5.12 6.14
N THR A 361 17.41 -4.81 5.60
CA THR A 361 18.50 -4.39 6.46
C THR A 361 19.01 -2.98 6.12
N ILE A 362 18.21 -2.17 5.42
CA ILE A 362 18.70 -0.92 4.81
C ILE A 362 17.97 0.32 5.33
N ALA A 363 17.26 0.16 6.44
CA ALA A 363 16.53 1.26 7.09
C ALA A 363 17.37 2.55 7.30
N LYS A 364 18.60 2.42 7.78
CA LYS A 364 19.49 3.58 7.87
C LYS A 364 19.71 4.25 6.50
N GLU A 365 19.48 3.52 5.41
CA GLU A 365 19.92 4.01 4.10
C GLU A 365 18.80 4.77 3.38
N MET A 366 17.62 4.79 4.00
CA MET A 366 16.52 5.45 3.34
C MET A 366 15.82 6.43 4.30
N SER A 367 15.53 7.62 3.78
CA SER A 367 14.94 8.70 4.55
C SER A 367 13.42 8.55 4.66
N GLY A 368 12.81 7.99 3.62
CA GLY A 368 11.38 7.76 3.60
C GLY A 368 11.01 6.47 2.86
N PHE A 369 9.82 5.96 3.12
CA PHE A 369 9.30 4.91 2.29
C PHE A 369 7.86 5.12 2.04
N VAL A 370 7.51 5.40 0.80
CA VAL A 370 6.12 5.60 0.49
C VAL A 370 5.62 4.66 -0.58
N THR A 371 4.37 4.20 -0.49
CA THR A 371 3.84 3.34 -1.54
C THR A 371 2.91 4.10 -2.49
N ASN A 372 3.07 3.85 -3.79
CA ASN A 372 2.12 4.33 -4.74
C ASN A 372 1.05 3.25 -4.94
N PRO A 373 -0.21 3.52 -4.53
CA PRO A 373 -1.22 2.49 -4.50
C PRO A 373 -2.05 2.37 -5.82
N MET A 374 -3.04 1.49 -5.82
CA MET A 374 -3.93 1.34 -6.99
C MET A 374 -4.98 2.45 -6.94
N GLU A 375 -5.64 2.64 -8.08
CA GLU A 375 -6.77 3.55 -8.07
C GLU A 375 -7.90 2.95 -7.22
N HIS A 376 -7.76 1.69 -6.80
CA HIS A 376 -8.73 1.03 -5.90
C HIS A 376 -8.35 1.25 -4.42
N ALA A 377 -8.98 2.25 -3.82
CA ALA A 377 -8.45 2.73 -2.56
C ALA A 377 -8.49 1.67 -1.42
N GLU A 378 -9.59 0.95 -1.29
CA GLU A 378 -9.70 -0.01 -0.20
C GLU A 378 -8.85 -1.23 -0.51
N SER A 379 -8.87 -1.65 -1.76
CA SER A 379 -8.13 -2.84 -2.17
C SER A 379 -6.65 -2.64 -1.90
N SER A 380 -6.22 -1.39 -2.04
CA SER A 380 -4.83 -1.00 -1.77
C SER A 380 -4.43 -1.10 -0.28
N LYS A 381 -5.41 -1.20 0.62
CA LYS A 381 -5.10 -1.23 2.03
C LYS A 381 -4.28 -2.44 2.46
N ILE A 382 -4.33 -3.53 1.69
CA ILE A 382 -3.55 -4.73 2.00
C ILE A 382 -2.06 -4.45 1.88
N ALA A 383 -1.68 -3.84 0.78
CA ALA A 383 -0.28 -3.48 0.56
C ALA A 383 0.10 -2.35 1.52
N ILE A 384 -0.85 -1.43 1.77
CA ILE A 384 -0.47 -0.26 2.51
C ILE A 384 -0.13 -0.67 3.95
N TYR A 385 -0.88 -1.60 4.48
CA TYR A 385 -0.69 -2.01 5.85
C TYR A 385 0.62 -2.76 5.90
N SER A 386 0.93 -3.46 4.83
CA SER A 386 2.19 -4.23 4.79
C SER A 386 3.36 -3.27 4.70
N VAL A 387 3.22 -2.22 3.92
CA VAL A 387 4.31 -1.27 3.80
C VAL A 387 4.59 -0.61 5.16
N ALA A 388 3.52 -0.25 5.88
CA ALA A 388 3.65 0.44 7.15
C ALA A 388 4.42 -0.44 8.09
N SER A 389 4.08 -1.71 8.07
CA SER A 389 4.80 -2.70 8.85
C SER A 389 6.29 -2.76 8.44
N TYR A 390 6.53 -2.90 7.15
CA TYR A 390 7.91 -3.01 6.66
C TYR A 390 8.69 -1.78 7.06
N ALA A 391 8.08 -0.59 6.94
CA ALA A 391 8.83 0.65 7.08
C ALA A 391 9.10 0.95 8.54
N TRP A 392 8.23 0.47 9.42
CA TRP A 392 8.37 0.75 10.83
C TRP A 392 9.41 -0.14 11.47
N ASN A 393 9.47 -1.40 11.05
CA ASN A 393 10.38 -2.36 11.64
C ASN A 393 10.84 -3.40 10.59
N PRO A 394 11.65 -2.95 9.64
CA PRO A 394 12.01 -3.82 8.52
C PRO A 394 12.66 -5.09 8.98
N ALA A 395 13.46 -5.00 10.05
CA ALA A 395 14.26 -6.15 10.42
C ALA A 395 13.37 -7.30 10.97
N LYS A 396 12.13 -6.97 11.34
CA LYS A 396 11.21 -8.01 11.84
C LYS A 396 10.12 -8.27 10.81
N TYR A 397 10.30 -7.72 9.62
CA TYR A 397 9.26 -7.81 8.62
C TYR A 397 8.97 -9.22 8.13
N ASP A 398 7.71 -9.62 8.16
CA ASP A 398 7.32 -10.95 7.82
C ASP A 398 6.27 -10.79 6.73
N THR A 399 6.70 -10.92 5.47
CA THR A 399 5.79 -10.79 4.34
C THR A 399 4.42 -11.44 4.58
N TRP A 400 4.42 -12.74 4.80
CA TRP A 400 3.18 -13.48 4.73
C TRP A 400 2.27 -13.31 5.94
N GLN A 401 2.83 -13.22 7.16
CA GLN A 401 2.00 -12.99 8.34
C GLN A 401 1.38 -11.61 8.24
N THR A 402 2.09 -10.69 7.58
CA THR A 402 1.62 -9.29 7.53
C THR A 402 0.57 -9.22 6.45
N TRP A 403 0.72 -10.00 5.40
CA TRP A 403 -0.36 -10.10 4.41
C TRP A 403 -1.70 -10.66 5.01
N LYS A 404 -1.60 -11.73 5.79
CA LYS A 404 -2.75 -12.34 6.42
C LYS A 404 -3.29 -11.37 7.46
N ASP A 405 -2.40 -10.62 8.11
CA ASP A 405 -2.87 -9.70 9.16
C ASP A 405 -3.64 -8.58 8.49
N ALA A 406 -3.17 -8.11 7.33
CA ALA A 406 -3.84 -7.00 6.69
C ALA A 406 -5.28 -7.38 6.31
N ILE A 407 -5.39 -8.59 5.76
CA ILE A 407 -6.61 -9.09 5.25
C ILE A 407 -7.57 -9.29 6.42
N ARG A 408 -7.05 -9.81 7.55
CA ARG A 408 -7.93 -10.05 8.70
C ARG A 408 -8.42 -8.73 9.31
N THR A 409 -7.63 -7.69 9.11
CA THR A 409 -7.93 -6.38 9.58
C THR A 409 -8.96 -5.66 8.71
N ILE A 410 -8.79 -5.75 7.40
CA ILE A 410 -9.70 -5.13 6.45
C ILE A 410 -11.10 -5.80 6.35
N LEU A 411 -11.13 -7.13 6.46
CA LEU A 411 -12.36 -7.87 6.28
C LEU A 411 -12.40 -9.06 7.24
N PRO A 412 -12.50 -8.76 8.54
CA PRO A 412 -12.48 -9.82 9.54
C PRO A 412 -13.57 -10.84 9.29
N SER A 413 -14.71 -10.41 8.77
CA SER A 413 -15.89 -11.35 8.72
C SER A 413 -15.78 -12.32 7.56
N ALA A 414 -14.83 -12.11 6.66
CA ALA A 414 -14.63 -13.04 5.57
C ALA A 414 -13.14 -13.08 5.16
N ALA A 415 -12.28 -13.17 6.16
CA ALA A 415 -10.85 -13.12 5.86
C ALA A 415 -10.40 -14.32 5.06
N GLU A 416 -10.89 -15.52 5.36
CA GLU A 416 -10.36 -16.63 4.56
C GLU A 416 -10.73 -16.44 3.07
N GLU A 417 -11.91 -15.86 2.87
CA GLU A 417 -12.41 -15.70 1.52
C GLU A 417 -11.60 -14.67 0.73
N LEU A 418 -11.27 -13.56 1.36
CA LEU A 418 -10.42 -12.56 0.73
C LEU A 418 -9.04 -13.13 0.52
N GLU A 419 -8.60 -13.97 1.46
CA GLU A 419 -7.29 -14.60 1.27
C GLU A 419 -7.29 -15.45 0.00
N CYS A 420 -8.27 -16.32 -0.12
CA CYS A 420 -8.38 -17.14 -1.30
C CYS A 420 -8.42 -16.22 -2.55
N PHE A 421 -9.28 -15.22 -2.51
CA PHE A 421 -9.33 -14.36 -3.67
C PHE A 421 -8.02 -13.65 -3.90
N ALA A 422 -7.42 -13.07 -2.86
CA ALA A 422 -6.20 -12.32 -3.07
C ALA A 422 -5.02 -13.19 -3.55
N MET A 423 -4.90 -14.41 -2.97
CA MET A 423 -3.87 -15.37 -3.37
C MET A 423 -3.71 -15.53 -4.90
N HIS A 424 -4.85 -15.42 -5.61
CA HIS A 424 -4.92 -15.65 -7.04
C HIS A 424 -5.10 -14.38 -7.86
N ASN A 425 -4.90 -13.24 -7.17
CA ASN A 425 -4.91 -11.94 -7.81
C ASN A 425 -3.73 -11.10 -7.36
N SER A 426 -2.56 -11.43 -7.84
CA SER A 426 -1.35 -10.76 -7.42
C SER A 426 -0.37 -10.50 -8.52
N ASP A 427 -0.38 -11.31 -9.55
CA ASP A 427 0.54 -11.10 -10.68
C ASP A 427 0.05 -9.97 -11.59
N LEU A 428 0.97 -9.32 -12.30
CA LEU A 428 0.62 -8.22 -13.18
C LEU A 428 0.33 -8.72 -14.59
N GLY A 429 0.79 -9.94 -14.87
CA GLY A 429 0.83 -10.46 -16.25
C GLY A 429 1.91 -9.68 -16.95
N PRO A 430 2.22 -10.02 -18.19
CA PRO A 430 3.34 -9.37 -18.92
C PRO A 430 3.03 -7.89 -19.07
N ASN A 431 4.01 -7.01 -18.99
CA ASN A 431 3.66 -5.61 -19.06
C ASN A 431 4.87 -4.83 -19.47
N GLY A 432 4.68 -3.58 -19.88
CA GLY A 432 5.77 -2.77 -20.41
C GLY A 432 6.90 -2.60 -19.40
N HIS A 433 6.58 -2.65 -18.13
CA HIS A 433 7.66 -2.50 -17.15
C HIS A 433 8.43 -3.77 -16.81
N GLY A 434 8.02 -4.95 -17.28
CA GLY A 434 8.83 -6.12 -16.97
C GLY A 434 8.75 -6.52 -15.51
N TYR A 435 7.82 -5.93 -14.75
CA TYR A 435 7.64 -6.22 -13.33
C TYR A 435 6.58 -7.33 -13.01
N ARG A 436 6.95 -8.36 -12.27
CA ARG A 436 5.98 -9.43 -12.03
C ARG A 436 5.87 -9.77 -10.54
N ARG A 437 4.83 -10.48 -10.15
CA ARG A 437 4.70 -10.97 -8.77
C ARG A 437 4.30 -12.43 -8.84
N GLU A 438 4.59 -13.15 -7.77
CA GLU A 438 4.19 -14.54 -7.65
C GLU A 438 2.67 -14.61 -7.49
N GLU A 439 2.11 -15.79 -7.69
CA GLU A 439 0.68 -15.97 -7.54
C GLU A 439 0.38 -17.43 -7.46
N SER A 440 -0.65 -17.80 -6.70
CA SER A 440 -1.12 -19.19 -6.69
C SER A 440 -0.04 -20.20 -6.31
N MET A 441 0.87 -19.81 -5.43
CA MET A 441 2.03 -20.63 -5.15
C MET A 441 1.61 -21.90 -4.46
N ASP A 442 0.56 -21.81 -3.66
CA ASP A 442 0.00 -22.92 -2.91
C ASP A 442 -0.32 -24.14 -3.76
N ILE A 443 -0.95 -23.96 -4.91
CA ILE A 443 -1.33 -25.09 -5.73
C ILE A 443 -0.47 -25.22 -6.99
N GLN A 444 0.50 -24.36 -7.12
CA GLN A 444 1.35 -24.46 -8.29
C GLN A 444 1.89 -25.88 -8.52
N PRO A 445 2.48 -26.49 -7.48
CA PRO A 445 3.06 -27.81 -7.76
C PRO A 445 2.03 -28.82 -8.28
N ALA A 446 0.86 -28.87 -7.64
CA ALA A 446 -0.17 -29.81 -8.08
C ALA A 446 -0.58 -29.47 -9.52
N ALA A 447 -0.73 -28.21 -9.84
CA ALA A 447 -1.11 -27.80 -11.19
C ALA A 447 -0.15 -28.35 -12.25
N GLU A 448 1.14 -28.25 -11.95
CA GLU A 448 2.21 -28.52 -12.89
C GLU A 448 2.46 -30.00 -13.04
N ARG A 449 2.27 -30.74 -11.96
CA ARG A 449 2.38 -32.16 -12.05
C ARG A 449 1.22 -32.74 -12.83
N PHE A 450 0.02 -32.27 -12.54
CA PHE A 450 -1.16 -32.83 -13.15
C PHE A 450 -1.02 -32.60 -14.63
N LEU A 451 -0.58 -31.43 -14.97
CA LEU A 451 -0.54 -31.09 -16.37
C LEU A 451 0.54 -31.86 -17.16
N LYS A 452 1.72 -32.04 -16.56
CA LYS A 452 2.80 -32.72 -17.25
C LYS A 452 2.37 -34.16 -17.48
N ALA A 453 1.85 -34.80 -16.43
CA ALA A 453 1.39 -36.17 -16.56
C ALA A 453 0.29 -36.25 -17.60
N PHE A 454 -0.74 -35.43 -17.41
CA PHE A 454 -1.91 -35.43 -18.30
C PHE A 454 -1.54 -35.21 -19.78
N LYS A 455 -0.69 -34.22 -20.05
CA LYS A 455 -0.25 -33.88 -21.42
C LYS A 455 0.31 -35.06 -22.16
N GLU A 456 0.88 -36.00 -21.44
CA GLU A 456 1.64 -37.05 -22.08
C GLU A 456 1.00 -38.41 -21.84
N GLY A 457 -0.33 -38.41 -21.82
CA GLY A 457 -1.12 -39.63 -21.76
C GLY A 457 -0.83 -40.51 -20.57
N LYS A 458 0.00 -40.00 -19.66
CA LYS A 458 0.47 -40.74 -18.48
C LYS A 458 -0.46 -40.42 -17.29
N ASN A 459 -0.93 -41.45 -16.56
CA ASN A 459 -1.84 -41.28 -15.40
C ASN A 459 -1.42 -40.11 -14.52
N TYR A 460 -2.32 -39.17 -14.24
CA TYR A 460 -1.97 -38.15 -13.26
C TYR A 460 -2.29 -38.70 -11.87
N ASP A 461 -1.89 -37.96 -10.86
CA ASP A 461 -2.11 -38.31 -9.49
C ASP A 461 -3.49 -37.85 -8.99
N LYS A 462 -4.25 -38.79 -8.42
CA LYS A 462 -5.58 -38.51 -7.83
C LYS A 462 -5.53 -37.28 -6.88
N ALA A 463 -4.47 -37.20 -6.06
CA ALA A 463 -4.32 -36.15 -5.04
C ALA A 463 -4.15 -34.74 -5.67
N ASP A 464 -3.52 -34.69 -6.84
CA ASP A 464 -3.36 -33.44 -7.52
C ASP A 464 -4.69 -33.05 -8.14
N PHE A 465 -5.39 -34.04 -8.67
CA PHE A 465 -6.68 -33.82 -9.30
C PHE A 465 -7.61 -33.25 -8.23
N GLU A 466 -7.66 -33.91 -7.08
CA GLU A 466 -8.49 -33.46 -5.94
C GLU A 466 -8.11 -32.07 -5.40
N THR A 467 -6.83 -31.75 -5.36
CA THR A 467 -6.42 -30.42 -4.98
C THR A 467 -6.98 -29.36 -5.95
N LEU A 468 -6.92 -29.63 -7.25
CA LEU A 468 -7.44 -28.67 -8.20
C LEU A 468 -8.96 -28.50 -8.00
N GLN A 469 -9.65 -29.63 -7.89
CA GLN A 469 -11.10 -29.68 -7.66
C GLN A 469 -11.43 -28.82 -6.48
N TYR A 470 -10.74 -29.12 -5.39
CA TYR A 470 -10.90 -28.45 -4.14
C TYR A 470 -10.72 -26.92 -4.30
N THR A 471 -9.64 -26.53 -4.97
CA THR A 471 -9.43 -25.13 -5.22
C THR A 471 -10.62 -24.48 -5.92
N PHE A 472 -11.11 -25.10 -7.01
CA PHE A 472 -12.21 -24.50 -7.74
C PHE A 472 -13.43 -24.40 -6.86
N GLU A 473 -13.71 -25.44 -6.11
CA GLU A 473 -14.87 -25.38 -5.24
C GLU A 473 -14.67 -24.21 -4.26
N ARG A 474 -13.48 -24.07 -3.71
CA ARG A 474 -13.26 -23.08 -2.68
C ARG A 474 -13.29 -21.65 -3.30
N MET A 475 -12.82 -21.50 -4.52
CA MET A 475 -12.93 -20.18 -5.16
C MET A 475 -14.39 -19.77 -5.37
N LYS A 476 -15.26 -20.72 -5.67
CA LYS A 476 -16.65 -20.37 -5.90
C LYS A 476 -17.27 -19.93 -4.60
N GLU A 477 -16.97 -20.65 -3.54
CA GLU A 477 -17.50 -20.31 -2.19
C GLU A 477 -17.05 -18.90 -1.80
N SER A 478 -15.80 -18.59 -2.13
CA SER A 478 -15.21 -17.38 -1.63
C SER A 478 -15.79 -16.22 -2.40
N ALA A 479 -15.80 -16.36 -3.72
CA ALA A 479 -16.47 -15.41 -4.62
C ALA A 479 -17.83 -15.02 -4.12
N ASP A 480 -18.66 -16.03 -3.88
CA ASP A 480 -20.02 -15.78 -3.54
C ASP A 480 -20.15 -15.13 -2.13
N ILE A 481 -19.27 -15.50 -1.20
CA ILE A 481 -19.31 -14.84 0.09
C ILE A 481 -18.86 -13.38 -0.06
N LEU A 482 -17.79 -13.20 -0.81
CA LEU A 482 -17.29 -11.88 -1.01
C LEU A 482 -18.39 -10.97 -1.56
N LEU A 483 -19.11 -11.37 -2.62
CA LEU A 483 -20.00 -10.46 -3.30
C LEU A 483 -21.11 -9.94 -2.37
N MET A 484 -21.51 -10.74 -1.38
CA MET A 484 -22.66 -10.40 -0.54
C MET A 484 -22.23 -9.80 0.79
N ASN A 485 -20.92 -9.69 0.99
CA ASN A 485 -20.40 -9.16 2.24
C ASN A 485 -20.67 -7.67 2.42
N THR A 486 -21.13 -7.28 3.62
CA THR A 486 -21.46 -5.88 3.88
C THR A 486 -20.66 -5.22 4.99
N GLU A 487 -19.56 -5.82 5.41
CA GLU A 487 -18.73 -5.20 6.41
C GLU A 487 -17.89 -4.07 5.82
N ASN A 488 -17.38 -4.24 4.60
CA ASN A 488 -16.65 -3.20 3.89
C ASN A 488 -17.16 -3.07 2.43
N LYS A 489 -18.27 -2.37 2.26
CA LYS A 489 -18.89 -2.17 0.94
C LYS A 489 -18.00 -1.51 -0.10
N PRO A 490 -17.25 -0.48 0.30
CA PRO A 490 -16.34 0.09 -0.68
C PRO A 490 -15.38 -0.95 -1.27
N LEU A 491 -14.82 -1.80 -0.42
CA LEU A 491 -13.90 -2.81 -0.95
C LEU A 491 -14.65 -3.68 -1.92
N ILE A 492 -15.82 -4.17 -1.53
CA ILE A 492 -16.57 -5.06 -2.40
C ILE A 492 -16.94 -4.40 -3.70
N VAL A 493 -17.41 -3.15 -3.65
CA VAL A 493 -17.72 -2.40 -4.89
C VAL A 493 -16.52 -2.39 -5.78
N GLU A 494 -15.35 -2.11 -5.22
CA GLU A 494 -14.16 -2.08 -6.02
C GLU A 494 -13.84 -3.39 -6.75
N ILE A 495 -13.98 -4.54 -6.06
CA ILE A 495 -13.44 -5.79 -6.62
C ILE A 495 -14.47 -6.64 -7.34
N THR A 496 -15.73 -6.22 -7.28
CA THR A 496 -16.84 -7.02 -7.82
C THR A 496 -16.64 -7.58 -9.23
N PRO A 497 -16.24 -6.72 -10.17
CA PRO A 497 -16.16 -7.27 -11.51
C PRO A 497 -15.25 -8.47 -11.50
N TRP A 498 -14.12 -8.34 -10.79
CA TRP A 498 -13.08 -9.37 -10.76
C TRP A 498 -13.57 -10.59 -10.02
N VAL A 499 -14.38 -10.35 -9.00
CA VAL A 499 -14.95 -11.48 -8.29
C VAL A 499 -15.84 -12.33 -9.22
N HIS A 500 -16.78 -11.67 -9.91
CA HIS A 500 -17.57 -12.36 -10.91
C HIS A 500 -16.63 -13.08 -11.86
N GLN A 501 -15.58 -12.42 -12.30
CA GLN A 501 -14.71 -13.09 -13.23
C GLN A 501 -14.05 -14.32 -12.57
N PHE A 502 -13.67 -14.21 -11.31
CA PHE A 502 -13.02 -15.24 -10.56
C PHE A 502 -14.00 -16.38 -10.38
N LYS A 503 -15.27 -16.08 -10.18
CA LYS A 503 -16.21 -17.19 -10.07
C LYS A 503 -16.28 -17.94 -11.43
N LEU A 504 -16.38 -17.15 -12.48
CA LEU A 504 -16.51 -17.79 -13.76
C LEU A 504 -15.29 -18.70 -14.02
N THR A 505 -14.11 -18.28 -13.57
CA THR A 505 -12.86 -19.02 -13.83
C THR A 505 -12.98 -20.37 -13.11
N ALA A 506 -13.38 -20.32 -11.85
CA ALA A 506 -13.56 -21.51 -11.03
C ALA A 506 -14.53 -22.49 -11.71
N GLU A 507 -15.63 -21.98 -12.25
CA GLU A 507 -16.65 -22.85 -12.85
C GLU A 507 -16.08 -23.46 -14.07
N MET A 508 -15.38 -22.63 -14.83
CA MET A 508 -14.75 -23.14 -16.01
C MET A 508 -13.80 -24.26 -15.62
N GLY A 509 -13.16 -24.15 -14.47
CA GLY A 509 -12.19 -25.14 -14.05
C GLY A 509 -12.91 -26.44 -13.73
N GLU A 510 -14.02 -26.33 -13.01
CA GLU A 510 -14.81 -27.47 -12.66
C GLU A 510 -15.28 -28.25 -13.87
N GLU A 511 -15.79 -27.54 -14.88
CA GLU A 511 -16.33 -28.25 -16.00
C GLU A 511 -15.18 -28.91 -16.78
N VAL A 512 -14.03 -28.25 -16.89
CA VAL A 512 -12.92 -28.86 -17.60
C VAL A 512 -12.47 -30.12 -16.87
N LEU A 513 -12.48 -30.05 -15.55
CA LEU A 513 -12.06 -31.21 -14.83
C LEU A 513 -13.08 -32.32 -15.09
N LYS A 514 -14.35 -31.94 -15.28
CA LYS A 514 -15.33 -32.96 -15.55
C LYS A 514 -15.10 -33.56 -16.94
N MET A 515 -14.60 -32.75 -17.85
CA MET A 515 -14.24 -33.30 -19.12
C MET A 515 -13.10 -34.30 -19.02
N VAL A 516 -12.17 -34.10 -18.11
CA VAL A 516 -11.06 -35.02 -17.95
C VAL A 516 -11.56 -36.36 -17.39
N GLU A 517 -12.48 -36.27 -16.47
CA GLU A 517 -13.06 -37.45 -15.86
C GLU A 517 -13.91 -38.14 -16.89
N GLY A 518 -14.51 -37.35 -17.79
CA GLY A 518 -15.15 -37.80 -19.07
C GLY A 518 -15.99 -39.07 -19.21
N ARG A 519 -17.08 -39.17 -18.45
CA ARG A 519 -17.84 -40.42 -18.47
C ARG A 519 -18.07 -41.02 -19.88
N ASN A 520 -18.81 -40.29 -20.71
CA ASN A 520 -19.28 -40.80 -21.99
C ASN A 520 -19.32 -39.63 -22.93
N GLU A 521 -19.43 -39.89 -24.23
CA GLU A 521 -19.23 -38.87 -25.25
C GLU A 521 -20.25 -37.74 -25.20
N SER A 522 -21.48 -38.13 -24.91
CA SER A 522 -22.53 -37.16 -24.80
C SER A 522 -22.31 -36.19 -23.62
N TYR A 523 -21.97 -36.71 -22.45
CA TYR A 523 -21.64 -35.84 -21.32
C TYR A 523 -20.50 -34.91 -21.71
N PHE A 524 -19.54 -35.46 -22.42
CA PHE A 524 -18.36 -34.70 -22.72
C PHE A 524 -18.70 -33.44 -23.53
N LEU A 525 -19.62 -33.57 -24.47
CA LEU A 525 -20.07 -32.46 -25.30
C LEU A 525 -20.88 -31.41 -24.51
N ARG A 526 -21.58 -31.85 -23.48
CA ARG A 526 -22.31 -30.95 -22.59
C ARG A 526 -21.31 -30.01 -21.89
N LYS A 527 -20.32 -30.62 -21.26
CA LYS A 527 -19.21 -29.88 -20.62
C LYS A 527 -18.50 -28.95 -21.62
N TYR A 528 -18.15 -29.49 -22.76
CA TYR A 528 -17.48 -28.73 -23.77
C TYR A 528 -18.30 -27.49 -24.12
N ASN A 529 -19.56 -27.67 -24.48
CA ASN A 529 -20.38 -26.51 -24.74
C ASN A 529 -20.50 -25.59 -23.54
N HIS A 530 -20.52 -26.15 -22.35
CA HIS A 530 -20.66 -25.28 -21.17
C HIS A 530 -19.39 -24.43 -20.98
N VAL A 531 -18.24 -25.05 -21.15
CA VAL A 531 -17.00 -24.26 -21.18
C VAL A 531 -17.00 -23.10 -22.23
N LYS A 532 -17.44 -23.36 -23.43
CA LYS A 532 -17.44 -22.35 -24.47
C LYS A 532 -18.30 -21.22 -24.00
N ALA A 533 -19.48 -21.56 -23.47
CA ALA A 533 -20.39 -20.53 -23.00
C ALA A 533 -19.74 -19.75 -21.85
N LEU A 534 -19.08 -20.42 -20.91
CA LEU A 534 -18.44 -19.67 -19.84
C LEU A 534 -17.25 -18.84 -20.34
N GLN A 535 -16.52 -19.30 -21.35
CA GLN A 535 -15.37 -18.52 -21.81
C GLN A 535 -16.00 -17.27 -22.36
N GLN A 536 -17.11 -17.50 -23.03
CA GLN A 536 -17.92 -16.42 -23.53
C GLN A 536 -18.42 -15.33 -22.53
N GLN A 537 -18.96 -15.70 -21.36
CA GLN A 537 -19.28 -14.64 -20.38
C GLN A 537 -18.05 -13.94 -19.86
N MET A 538 -16.91 -14.63 -19.79
CA MET A 538 -15.66 -13.95 -19.42
C MET A 538 -15.31 -12.87 -20.42
N PHE A 539 -15.56 -13.13 -21.70
CA PHE A 539 -15.20 -12.11 -22.69
C PHE A 539 -16.17 -10.94 -22.52
N TYR A 540 -17.42 -11.27 -22.22
CA TYR A 540 -18.43 -10.26 -22.00
C TYR A 540 -17.97 -9.28 -20.89
N ILE A 541 -17.61 -9.84 -19.74
CA ILE A 541 -17.27 -9.04 -18.61
C ILE A 541 -16.06 -8.18 -18.97
N ASP A 542 -15.18 -8.78 -19.75
CA ASP A 542 -13.94 -8.16 -20.08
C ASP A 542 -14.15 -7.07 -21.13
N GLN A 543 -15.29 -7.07 -21.82
CA GLN A 543 -15.60 -6.03 -22.79
C GLN A 543 -16.51 -4.93 -22.22
N THR A 544 -17.19 -5.20 -21.10
CA THR A 544 -18.18 -4.29 -20.57
C THR A 544 -17.74 -3.74 -19.24
N SER A 545 -16.92 -4.46 -18.47
CA SER A 545 -16.44 -3.89 -17.19
C SER A 545 -15.08 -3.23 -17.23
N ASN A 546 -14.87 -2.26 -16.36
CA ASN A 546 -13.53 -1.66 -16.22
C ASN A 546 -13.00 -1.21 -17.57
N GLN A 547 -13.83 -0.49 -18.31
CA GLN A 547 -13.42 -0.10 -19.64
C GLN A 547 -12.61 1.21 -19.57
N ASN A 548 -11.32 1.13 -19.79
CA ASN A 548 -10.54 2.30 -19.74
C ASN A 548 -9.71 2.28 -21.05
N PRO A 549 -9.15 3.44 -21.43
CA PRO A 549 -8.44 3.47 -22.73
C PRO A 549 -7.24 2.54 -22.86
N TYR A 550 -6.66 2.06 -21.77
CA TYR A 550 -5.32 1.51 -21.82
C TYR A 550 -5.23 0.02 -21.63
N GLN A 551 -5.71 -0.49 -20.51
CA GLN A 551 -5.86 -1.94 -20.43
C GLN A 551 -7.28 -2.19 -19.98
N PRO A 552 -8.25 -1.98 -20.87
CA PRO A 552 -9.67 -2.13 -20.53
C PRO A 552 -9.94 -3.59 -20.10
N GLY A 553 -10.82 -3.82 -19.12
CA GLY A 553 -11.22 -5.18 -18.84
C GLY A 553 -10.95 -5.76 -17.48
N VAL A 554 -11.14 -7.10 -17.39
CA VAL A 554 -11.01 -7.82 -16.15
C VAL A 554 -10.35 -9.19 -16.31
N LYS A 555 -9.07 -9.28 -15.92
CA LYS A 555 -8.33 -10.51 -15.82
C LYS A 555 -8.10 -10.91 -14.35
N THR A 556 -8.07 -12.22 -14.11
CA THR A 556 -8.04 -12.77 -12.76
C THR A 556 -7.34 -14.13 -12.76
N ALA A 557 -6.81 -14.55 -11.62
CA ALA A 557 -6.14 -15.87 -11.58
C ALA A 557 -5.27 -16.23 -12.81
N THR A 558 -4.46 -15.32 -13.30
CA THR A 558 -3.83 -15.42 -14.68
C THR A 558 -2.48 -16.08 -14.78
N ARG A 559 -1.78 -16.22 -13.67
CA ARG A 559 -0.43 -16.75 -13.77
C ARG A 559 -0.39 -18.27 -13.91
N VAL A 560 -1.20 -18.93 -13.10
CA VAL A 560 -1.16 -20.39 -12.99
C VAL A 560 -2.54 -20.94 -13.38
N ILE A 561 -3.59 -20.37 -12.82
CA ILE A 561 -4.87 -21.01 -12.93
C ILE A 561 -5.51 -20.95 -14.29
N LYS A 562 -5.68 -19.75 -14.86
CA LYS A 562 -6.30 -19.72 -16.19
C LYS A 562 -5.45 -20.54 -17.24
N PRO A 563 -4.12 -20.39 -17.24
CA PRO A 563 -3.43 -21.30 -18.21
C PRO A 563 -3.59 -22.83 -17.90
N LEU A 564 -3.64 -23.21 -16.63
CA LEU A 564 -3.86 -24.62 -16.37
C LEU A 564 -5.19 -25.05 -17.01
N ILE A 565 -6.22 -24.27 -16.80
CA ILE A 565 -7.51 -24.60 -17.33
C ILE A 565 -7.46 -24.58 -18.88
N ASP A 566 -6.94 -23.52 -19.48
CA ASP A 566 -6.85 -23.46 -20.94
C ASP A 566 -6.09 -24.65 -21.51
N ARG A 567 -4.92 -24.92 -20.95
CA ARG A 567 -4.13 -26.00 -21.52
C ARG A 567 -4.76 -27.37 -21.32
N THR A 568 -5.43 -27.56 -20.19
CA THR A 568 -6.08 -28.82 -19.89
C THR A 568 -7.25 -29.00 -20.84
N PHE A 569 -7.92 -27.90 -21.14
CA PHE A 569 -9.03 -27.88 -22.09
C PHE A 569 -8.53 -28.25 -23.50
N ALA A 570 -7.48 -27.61 -23.96
CA ALA A 570 -6.99 -27.92 -25.31
C ALA A 570 -6.61 -29.38 -25.35
N THR A 571 -5.90 -29.85 -24.34
CA THR A 571 -5.41 -31.21 -24.36
C THR A 571 -6.57 -32.20 -24.35
N VAL A 572 -7.62 -31.92 -23.59
CA VAL A 572 -8.66 -32.93 -23.49
C VAL A 572 -9.45 -32.99 -24.79
N VAL A 573 -9.59 -31.87 -25.46
CA VAL A 573 -10.33 -31.87 -26.69
C VAL A 573 -9.54 -32.63 -27.75
N LYS A 574 -8.28 -32.27 -27.93
CA LYS A 574 -7.37 -33.04 -28.73
C LYS A 574 -7.60 -34.55 -28.51
N PHE A 575 -7.50 -35.00 -27.27
CA PHE A 575 -7.66 -36.42 -26.95
C PHE A 575 -9.00 -36.92 -27.42
N PHE A 576 -10.01 -36.04 -27.37
CA PHE A 576 -11.34 -36.39 -27.79
C PHE A 576 -11.43 -36.46 -29.30
N ASN A 577 -10.73 -35.57 -30.00
CA ASN A 577 -10.79 -35.59 -31.46
C ASN A 577 -10.15 -36.83 -32.07
N GLN A 578 -9.02 -37.25 -31.53
CA GLN A 578 -8.40 -38.52 -31.96
C GLN A 578 -9.36 -39.67 -31.74
N LYS A 579 -9.93 -39.73 -30.54
CA LYS A 579 -10.76 -40.84 -30.12
C LYS A 579 -11.99 -41.05 -31.02
N PHE A 580 -12.67 -39.97 -31.41
CA PHE A 580 -13.92 -40.06 -32.16
C PHE A 580 -13.83 -39.44 -33.55
N ASN A 581 -12.62 -39.22 -34.01
CA ASN A 581 -12.42 -38.65 -35.33
C ASN A 581 -13.26 -37.36 -35.48
N ALA A 582 -13.39 -36.62 -34.38
CA ALA A 582 -14.16 -35.38 -34.40
C ALA A 582 -13.25 -34.19 -34.61
N HIS A 583 -13.83 -33.01 -34.83
CA HIS A 583 -13.03 -31.79 -34.99
C HIS A 583 -13.53 -30.64 -34.15
N LEU A 584 -13.63 -30.81 -32.84
CA LEU A 584 -14.04 -29.69 -32.01
C LEU A 584 -12.91 -28.70 -31.93
N ASP A 585 -13.24 -27.42 -31.91
CA ASP A 585 -12.25 -26.38 -31.76
C ASP A 585 -11.61 -26.40 -30.37
N ALA A 586 -10.28 -26.51 -30.33
CA ALA A 586 -9.52 -26.75 -29.10
C ALA A 586 -8.99 -25.46 -28.43
N THR A 587 -9.36 -24.31 -28.95
CA THR A 587 -8.78 -23.08 -28.46
C THR A 587 -9.68 -22.46 -27.42
N THR A 588 -9.04 -21.61 -26.62
CA THR A 588 -9.64 -21.05 -25.43
C THR A 588 -9.94 -19.58 -25.69
N ASP A 589 -9.35 -19.05 -26.76
CA ASP A 589 -9.53 -17.66 -27.11
C ASP A 589 -10.89 -17.37 -27.79
#